data_3QLY
#
_entry.id   3QLY
#
_cell.length_a   42.731
_cell.length_b   42.731
_cell.length_c   230.839
_cell.angle_alpha   90.000
_cell.angle_beta   90.000
_cell.angle_gamma   90.000
#
_symmetry.space_group_name_H-M   'P 41'
#
loop_
_entity.id
_entity.type
_entity.pdbx_description
1 polymer 'Strain CBS138 chromosome J complete sequence'
2 non-polymer 'NADPH DIHYDRO-NICOTINAMIDE-ADENINE-DINUCLEOTIDE PHOSPHATE'
3 non-polymer 6-methyl-5-[3-methyl-3-(3,4,5-trimethoxyphenyl)but-1-yn-1-yl]pyrimidine-2,4-diamine
4 water water
#
_entity_poly.entity_id   1
_entity_poly.type   'polypeptide(L)'
_entity_poly.pdbx_seq_one_letter_code
;MSKVPVVGIVAALLPEMGIGFQGNLPWRLAKEMKYFREVTTLTNDNSKQNVVIMGRKTWESIPQKFRPLPKRINVVVSRS
FDGELRKVEDGIYHSNSLRNCLTALQSSLANENKIERIYIIGGGEIYRQSMDLADHWLITKIMPLPETTIPQMDTFLQKQ
ELEQRFYDNSDKLVDFLPSSIQLEGRLTSQEWNGELVKGLPVQEKGYQFYFTLYTKKLEHHHHHHHH
;
_entity_poly.pdbx_strand_id   A,B
#
loop_
_chem_comp.id
_chem_comp.type
_chem_comp.name
_chem_comp.formula
55V non-polymer 6-methyl-5-[3-methyl-3-(3,4,5-trimethoxyphenyl)but-1-yn-1-yl]pyrimidine-2,4-diamine 'C19 H24 N4 O3'
NDP non-polymer 'NADPH DIHYDRO-NICOTINAMIDE-ADENINE-DINUCLEOTIDE PHOSPHATE' 'C21 H30 N7 O17 P3'
#
# COMPACT_ATOMS: atom_id res chain seq x y z
N LYS A 3 13.96 -0.12 13.02
CA LYS A 3 13.77 -1.60 13.06
C LYS A 3 12.66 -1.98 14.03
N VAL A 4 11.81 -1.02 14.38
CA VAL A 4 10.70 -1.27 15.30
C VAL A 4 9.59 -2.07 14.62
N PRO A 5 9.27 -3.26 15.15
CA PRO A 5 8.26 -4.12 14.54
C PRO A 5 6.90 -3.43 14.44
N VAL A 6 6.29 -3.51 13.25
CA VAL A 6 4.94 -3.00 13.05
C VAL A 6 3.96 -4.16 13.05
N VAL A 7 3.04 -4.15 14.00
CA VAL A 7 2.16 -5.29 14.22
C VAL A 7 0.70 -4.90 14.13
N GLY A 8 -0.02 -5.52 13.20
CA GLY A 8 -1.46 -5.36 13.13
C GLY A 8 -2.13 -6.24 14.16
N ILE A 9 -3.10 -5.67 14.88
CA ILE A 9 -3.85 -6.43 15.86
C ILE A 9 -5.34 -6.22 15.69
N VAL A 10 -6.09 -7.33 15.58
CA VAL A 10 -7.49 -7.26 15.22
C VAL A 10 -8.25 -8.50 15.68
N ALA A 11 -9.53 -8.33 15.95
CA ALA A 11 -10.42 -9.45 16.24
C ALA A 11 -11.41 -9.62 15.10
N ALA A 12 -11.45 -10.83 14.53
CA ALA A 12 -12.23 -11.07 13.31
C ALA A 12 -13.06 -12.34 13.40
N LEU A 13 -14.31 -12.25 12.95
CA LEU A 13 -15.22 -13.39 12.94
C LEU A 13 -15.09 -14.19 11.65
N LEU A 14 -14.73 -15.47 11.78
CA LEU A 14 -14.65 -16.37 10.64
C LEU A 14 -16.05 -16.68 10.10
N PRO A 15 -16.14 -17.06 8.82
CA PRO A 15 -15.02 -17.24 7.91
C PRO A 15 -14.69 -16.00 7.08
N GLU A 16 -15.62 -15.05 7.01
CA GLU A 16 -15.44 -13.85 6.19
C GLU A 16 -14.56 -12.81 6.86
N MET A 17 -14.22 -13.04 8.12
CA MET A 17 -13.39 -12.12 8.90
C MET A 17 -14.02 -10.73 9.06
N GLY A 18 -15.26 -10.70 9.50
CA GLY A 18 -15.92 -9.44 9.82
C GLY A 18 -15.39 -8.86 11.12
N ILE A 19 -15.32 -7.53 11.20
CA ILE A 19 -14.65 -6.86 12.32
C ILE A 19 -15.48 -5.73 12.92
N GLY A 20 -16.43 -5.21 12.15
CA GLY A 20 -17.23 -4.08 12.60
C GLY A 20 -18.60 -3.99 11.95
N PHE A 21 -19.50 -3.27 12.61
CA PHE A 21 -20.84 -3.03 12.07
C PHE A 21 -21.36 -1.69 12.57
N GLN A 22 -21.71 -0.81 11.63
CA GLN A 22 -22.29 0.49 11.97
C GLN A 22 -21.44 1.29 12.95
N GLY A 23 -20.13 1.25 12.78
CA GLY A 23 -19.21 2.07 13.58
C GLY A 23 -18.76 1.45 14.89
N ASN A 24 -19.27 0.26 15.19
CA ASN A 24 -18.91 -0.44 16.42
C ASN A 24 -18.53 -1.91 16.18
N LEU A 25 -18.14 -2.58 17.25
CA LEU A 25 -17.85 -4.01 17.20
C LEU A 25 -19.16 -4.81 17.18
N PRO A 26 -19.18 -5.90 16.42
CA PRO A 26 -20.35 -6.78 16.34
C PRO A 26 -20.54 -7.62 17.61
N TRP A 27 -19.60 -7.49 18.55
CA TRP A 27 -19.63 -8.29 19.77
C TRP A 27 -19.05 -7.51 20.93
N ARG A 28 -19.17 -8.08 22.12
CA ARG A 28 -18.64 -7.49 23.34
C ARG A 28 -18.03 -8.59 24.19
N LEU A 29 -16.73 -8.78 24.05
CA LEU A 29 -16.04 -9.86 24.75
C LEU A 29 -14.94 -9.34 25.67
N ALA A 30 -15.22 -9.35 26.97
CA ALA A 30 -14.32 -8.79 27.98
C ALA A 30 -12.92 -9.41 27.93
N LYS A 31 -12.84 -10.72 27.71
CA LYS A 31 -11.57 -11.43 27.74
C LYS A 31 -10.75 -11.20 26.48
N GLU A 32 -11.43 -10.81 25.40
CA GLU A 32 -10.73 -10.45 24.17
C GLU A 32 -10.22 -9.01 24.29
N MET A 33 -11.02 -8.17 24.93
CA MET A 33 -10.63 -6.79 25.22
C MET A 33 -9.39 -6.77 26.12
N LYS A 34 -9.41 -7.58 27.17
CA LYS A 34 -8.30 -7.69 28.11
C LYS A 34 -7.01 -8.15 27.42
N TYR A 35 -7.12 -9.14 26.55
CA TYR A 35 -5.99 -9.60 25.76
C TYR A 35 -5.41 -8.45 24.94
N PHE A 36 -6.28 -7.66 24.32
CA PHE A 36 -5.87 -6.52 23.52
C PHE A 36 -5.17 -5.46 24.38
N ARG A 37 -5.78 -5.14 25.51
CA ARG A 37 -5.25 -4.14 26.42
C ARG A 37 -3.86 -4.53 26.93
N GLU A 38 -3.70 -5.78 27.34
CA GLU A 38 -2.43 -6.26 27.86
C GLU A 38 -1.34 -6.35 26.79
N VAL A 39 -1.69 -6.90 25.63
CA VAL A 39 -0.74 -7.01 24.53
C VAL A 39 -0.15 -5.65 24.13
N THR A 40 -1.03 -4.70 23.85
CA THR A 40 -0.63 -3.38 23.37
C THR A 40 0.04 -2.53 24.46
N THR A 41 -0.27 -2.83 25.71
CA THR A 41 0.24 -2.04 26.83
C THR A 41 1.59 -2.57 27.34
N LEU A 42 1.65 -3.87 27.61
CA LEU A 42 2.86 -4.47 28.18
C LEU A 42 4.05 -4.43 27.21
N THR A 43 5.24 -4.27 27.76
CA THR A 43 6.47 -4.33 26.99
C THR A 43 7.48 -5.17 27.76
N ASN A 44 8.44 -5.75 27.04
CA ASN A 44 9.52 -6.49 27.67
C ASN A 44 10.53 -5.55 28.33
N ASP A 45 10.57 -4.31 27.87
CA ASP A 45 11.44 -3.29 28.43
C ASP A 45 10.62 -2.20 29.12
N ASN A 46 10.78 -2.09 30.44
CA ASN A 46 9.95 -1.19 31.26
C ASN A 46 10.12 0.29 30.93
N SER A 47 11.23 0.63 30.28
CA SER A 47 11.53 2.02 29.96
C SER A 47 10.89 2.43 28.63
N LYS A 48 10.26 1.47 27.95
CA LYS A 48 9.62 1.74 26.67
C LYS A 48 8.10 1.61 26.77
N GLN A 49 7.42 2.27 25.83
CA GLN A 49 5.98 2.09 25.65
C GLN A 49 5.71 1.61 24.24
N ASN A 50 4.52 1.10 24.00
CA ASN A 50 4.09 0.76 22.64
C ASN A 50 3.28 1.90 22.04
N VAL A 51 3.25 1.96 20.71
CA VAL A 51 2.41 2.92 20.01
C VAL A 51 1.14 2.24 19.51
N VAL A 52 0.02 2.95 19.57
CA VAL A 52 -1.22 2.49 18.94
C VAL A 52 -1.70 3.50 17.90
N ILE A 53 -1.70 3.07 16.64
CA ILE A 53 -2.19 3.91 15.55
C ILE A 53 -3.58 3.45 15.11
N MET A 54 -4.45 4.41 14.81
CA MET A 54 -5.83 4.10 14.47
C MET A 54 -6.44 5.17 13.58
N GLY A 55 -7.38 4.78 12.72
CA GLY A 55 -8.14 5.72 11.93
C GLY A 55 -9.05 6.56 12.80
N ARG A 56 -9.54 7.67 12.26
CA ARG A 56 -10.39 8.60 13.02
C ARG A 56 -11.68 7.95 13.51
N LYS A 57 -12.32 7.18 12.64
CA LYS A 57 -13.61 6.58 12.97
C LYS A 57 -13.48 5.56 14.11
N THR A 58 -12.36 4.86 14.13
CA THR A 58 -12.07 3.92 15.21
C THR A 58 -11.87 4.69 16.52
N TRP A 59 -11.18 5.82 16.44
CA TRP A 59 -10.96 6.67 17.61
C TRP A 59 -12.28 7.17 18.21
N GLU A 60 -13.22 7.52 17.33
CA GLU A 60 -14.51 8.05 17.75
C GLU A 60 -15.43 6.97 18.32
N SER A 61 -15.06 5.71 18.08
CA SER A 61 -15.85 4.58 18.58
C SER A 61 -15.47 4.21 20.00
N ILE A 62 -14.33 4.72 20.47
CA ILE A 62 -13.89 4.47 21.83
C ILE A 62 -14.58 5.40 22.81
N PRO A 63 -15.18 4.84 23.87
CA PRO A 63 -15.81 5.67 24.90
C PRO A 63 -14.86 6.76 25.38
N GLN A 64 -15.35 8.00 25.41
CA GLN A 64 -14.53 9.15 25.77
C GLN A 64 -13.80 8.98 27.09
N LYS A 65 -14.29 8.05 27.92
CA LYS A 65 -13.71 7.82 29.24
C LYS A 65 -12.50 6.90 29.18
N PHE A 66 -12.38 6.14 28.09
CA PHE A 66 -11.33 5.15 27.95
C PHE A 66 -10.23 5.60 26.97
N ARG A 67 -10.35 6.81 26.45
CA ARG A 67 -9.37 7.35 25.49
C ARG A 67 -8.74 8.66 26.00
N PRO A 68 -7.46 8.87 25.68
CA PRO A 68 -6.65 7.92 24.90
C PRO A 68 -6.29 6.69 25.72
N LEU A 69 -5.97 5.59 25.04
CA LEU A 69 -5.59 4.36 25.71
C LEU A 69 -4.34 4.58 26.56
N PRO A 70 -4.47 4.37 27.89
CA PRO A 70 -3.44 4.67 28.87
C PRO A 70 -2.14 3.87 28.68
N LYS A 71 -1.01 4.51 28.97
CA LYS A 71 0.30 3.86 28.95
C LYS A 71 0.77 3.47 27.55
N ARG A 72 0.02 3.90 26.55
CA ARG A 72 0.43 3.74 25.15
C ARG A 72 0.35 5.08 24.43
N ILE A 73 1.30 5.34 23.54
CA ILE A 73 1.24 6.52 22.70
C ILE A 73 0.14 6.34 21.65
N ASN A 74 -0.86 7.22 21.70
CA ASN A 74 -1.98 7.17 20.77
C ASN A 74 -1.76 8.06 19.56
N VAL A 75 -2.01 7.52 18.38
CA VAL A 75 -1.91 8.28 17.14
C VAL A 75 -3.17 8.10 16.32
N VAL A 76 -3.86 9.20 16.06
CA VAL A 76 -5.06 9.21 15.23
C VAL A 76 -4.75 9.82 13.87
N VAL A 77 -5.14 9.12 12.80
CA VAL A 77 -4.85 9.58 11.45
C VAL A 77 -6.12 10.06 10.73
N SER A 78 -6.04 11.25 10.14
CA SER A 78 -7.16 11.82 9.39
C SER A 78 -6.63 12.64 8.23
N ARG A 79 -7.27 12.51 7.07
CA ARG A 79 -6.82 13.21 5.86
C ARG A 79 -6.78 14.71 6.07
N SER A 80 -7.56 15.19 7.04
CA SER A 80 -7.70 16.63 7.27
C SER A 80 -6.86 17.16 8.43
N PHE A 81 -5.93 16.35 8.92
CA PHE A 81 -5.00 16.80 9.96
C PHE A 81 -3.82 17.55 9.34
N ASP A 82 -3.12 18.33 10.17
CA ASP A 82 -2.12 19.26 9.68
C ASP A 82 -0.85 18.61 9.13
N GLY A 83 -0.15 17.87 9.98
CA GLY A 83 1.16 17.33 9.62
C GLY A 83 1.24 15.81 9.66
N GLU A 84 2.45 15.29 9.50
CA GLU A 84 2.68 13.85 9.49
C GLU A 84 2.68 13.25 10.90
N LEU A 85 3.01 14.09 11.89
CA LEU A 85 3.01 13.65 13.28
C LEU A 85 3.21 14.83 14.23
N ARG A 86 2.13 15.20 14.92
CA ARG A 86 2.22 16.30 15.88
C ARG A 86 1.42 16.00 17.14
N LYS A 87 2.03 16.30 18.29
CA LYS A 87 1.36 16.21 19.58
C LYS A 87 0.26 17.25 19.66
N VAL A 88 -0.96 16.82 19.96
CA VAL A 88 -2.08 17.75 20.13
C VAL A 88 -2.61 17.72 21.56
N GLU A 89 -2.35 16.63 22.26
CA GLU A 89 -2.75 16.49 23.66
C GLU A 89 -1.79 15.53 24.35
N ASP A 90 -1.85 15.47 25.68
CA ASP A 90 -1.07 14.50 26.43
C ASP A 90 -1.48 13.08 26.04
N GLY A 91 -0.59 12.38 25.34
CA GLY A 91 -0.85 11.00 24.94
C GLY A 91 -1.52 10.87 23.59
N ILE A 92 -1.78 12.00 22.93
CA ILE A 92 -2.44 12.00 21.63
C ILE A 92 -1.64 12.72 20.56
N TYR A 93 -1.27 11.98 19.51
CA TYR A 93 -0.65 12.56 18.33
C TYR A 93 -1.62 12.53 17.16
N HIS A 94 -1.54 13.55 16.32
CA HIS A 94 -2.36 13.60 15.11
C HIS A 94 -1.48 13.44 13.87
N SER A 95 -2.02 12.75 12.86
CA SER A 95 -1.30 12.55 11.60
C SER A 95 -2.25 12.54 10.41
N ASN A 96 -1.82 13.15 9.32
CA ASN A 96 -2.63 13.16 8.10
C ASN A 96 -2.18 12.09 7.11
N SER A 97 -1.32 11.19 7.54
CA SER A 97 -0.80 10.12 6.68
C SER A 97 -0.30 8.92 7.49
N LEU A 98 -0.94 7.78 7.29
CA LEU A 98 -0.53 6.54 7.93
C LEU A 98 0.92 6.16 7.60
N ARG A 99 1.27 6.21 6.31
CA ARG A 99 2.59 5.84 5.86
C ARG A 99 3.69 6.77 6.40
N ASN A 100 3.48 8.07 6.27
CA ASN A 100 4.44 9.05 6.78
C ASN A 100 4.54 8.99 8.30
N CYS A 101 3.39 8.86 8.94
CA CYS A 101 3.34 8.71 10.39
C CYS A 101 4.27 7.59 10.86
N LEU A 102 4.31 6.50 10.11
CA LEU A 102 5.16 5.36 10.47
C LEU A 102 6.64 5.67 10.31
N THR A 103 6.99 6.26 9.17
CA THR A 103 8.37 6.65 8.92
C THR A 103 8.86 7.62 10.00
N ALA A 104 7.96 8.49 10.44
CA ALA A 104 8.27 9.43 11.52
C ALA A 104 8.56 8.70 12.82
N LEU A 105 7.72 7.71 13.14
CA LEU A 105 7.87 6.94 14.37
C LEU A 105 9.16 6.12 14.41
N GLN A 106 9.58 5.64 13.24
CA GLN A 106 10.76 4.77 13.16
C GLN A 106 12.07 5.53 13.42
N SER A 107 12.06 6.83 13.17
CA SER A 107 13.23 7.67 13.41
C SER A 107 13.75 7.51 14.85
N SER A 108 14.97 7.00 14.98
CA SER A 108 15.54 6.75 16.30
C SER A 108 15.97 8.04 16.99
N LEU A 109 16.15 9.09 16.21
CA LEU A 109 16.43 10.41 16.76
C LEU A 109 15.20 10.93 17.49
N ALA A 110 14.04 10.75 16.86
CA ALA A 110 12.78 11.25 17.39
C ALA A 110 12.25 10.37 18.53
N ASN A 111 12.38 9.05 18.38
CA ASN A 111 11.81 8.12 19.33
C ASN A 111 12.80 7.66 20.42
N GLU A 112 14.08 8.01 20.24
CA GLU A 112 15.12 7.70 21.22
C GLU A 112 15.17 6.21 21.56
N ASN A 113 14.78 5.37 20.62
CA ASN A 113 14.66 3.94 20.87
C ASN A 113 13.85 3.67 22.14
N LYS A 114 12.86 4.54 22.39
CA LYS A 114 12.03 4.44 23.58
C LYS A 114 10.70 3.78 23.23
N ILE A 115 10.58 3.30 22.00
CA ILE A 115 9.40 2.56 21.54
C ILE A 115 9.78 1.11 21.25
N GLU A 116 8.95 0.18 21.68
CA GLU A 116 9.22 -1.25 21.49
C GLU A 116 8.49 -1.81 20.27
N ARG A 117 7.17 -1.60 20.22
CA ARG A 117 6.36 -2.04 19.08
C ARG A 117 5.35 -0.98 18.65
N ILE A 118 5.00 -1.01 17.37
CA ILE A 118 3.96 -0.16 16.83
C ILE A 118 2.74 -1.00 16.46
N TYR A 119 1.65 -0.80 17.18
CA TYR A 119 0.43 -1.56 16.94
C TYR A 119 -0.59 -0.76 16.13
N ILE A 120 -0.97 -1.30 14.98
CA ILE A 120 -2.07 -0.75 14.21
C ILE A 120 -3.37 -1.37 14.72
N ILE A 121 -4.10 -0.61 15.53
CA ILE A 121 -5.24 -1.14 16.25
C ILE A 121 -6.56 -0.99 15.50
N GLY A 122 -6.47 -0.66 14.22
CA GLY A 122 -7.57 -0.94 13.32
C GLY A 122 -8.26 0.19 12.61
N GLY A 123 -9.52 -0.05 12.29
CA GLY A 123 -10.19 0.63 11.21
C GLY A 123 -10.08 -0.26 9.99
N GLY A 124 -11.22 -0.60 9.40
CA GLY A 124 -11.25 -1.38 8.18
C GLY A 124 -10.42 -0.73 7.09
N GLU A 125 -10.58 0.59 6.96
CA GLU A 125 -9.84 1.34 5.96
C GLU A 125 -8.34 1.34 6.26
N ILE A 126 -7.99 1.42 7.55
CA ILE A 126 -6.60 1.40 7.98
C ILE A 126 -5.95 0.01 7.78
N TYR A 127 -6.60 -1.02 8.30
CA TYR A 127 -6.12 -2.41 8.10
C TYR A 127 -5.86 -2.70 6.61
N ARG A 128 -6.77 -2.21 5.77
CA ARG A 128 -6.68 -2.41 4.33
C ARG A 128 -5.39 -1.83 3.75
N GLN A 129 -4.85 -0.81 4.43
CA GLN A 129 -3.64 -0.14 3.97
C GLN A 129 -2.40 -0.64 4.70
N SER A 130 -2.60 -1.52 5.67
CA SER A 130 -1.52 -1.98 6.54
C SER A 130 -0.91 -3.29 6.08
N MET A 131 -1.50 -3.88 5.05
CA MET A 131 -1.06 -5.20 4.58
C MET A 131 0.40 -5.20 4.11
N ASP A 132 0.82 -4.11 3.48
CA ASP A 132 2.19 -3.97 3.02
C ASP A 132 3.07 -3.35 4.09
N LEU A 133 2.45 -2.83 5.15
CA LEU A 133 3.18 -2.08 6.16
C LEU A 133 3.55 -2.93 7.37
N ALA A 134 2.68 -3.85 7.76
CA ALA A 134 2.87 -4.63 8.98
C ALA A 134 3.85 -5.79 8.79
N ASP A 135 4.64 -6.05 9.82
CA ASP A 135 5.55 -7.20 9.83
C ASP A 135 4.81 -8.45 10.24
N HIS A 136 3.91 -8.32 11.21
CA HIS A 136 3.12 -9.43 11.73
C HIS A 136 1.66 -9.04 11.84
N TRP A 137 0.80 -10.02 12.11
CA TRP A 137 -0.59 -9.77 12.45
C TRP A 137 -1.00 -10.57 13.67
N LEU A 138 -1.53 -9.87 14.67
CA LEU A 138 -2.16 -10.54 15.80
C LEU A 138 -3.67 -10.57 15.57
N ILE A 139 -4.14 -11.70 15.05
CA ILE A 139 -5.53 -11.85 14.68
C ILE A 139 -6.24 -12.80 15.62
N THR A 140 -7.25 -12.30 16.32
CA THR A 140 -8.12 -13.15 17.12
C THR A 140 -9.25 -13.69 16.25
N LYS A 141 -9.14 -14.96 15.85
CA LYS A 141 -10.14 -15.60 15.02
C LYS A 141 -11.34 -16.03 15.85
N ILE A 142 -12.51 -15.49 15.54
CA ILE A 142 -13.71 -15.71 16.33
C ILE A 142 -14.72 -16.58 15.59
N MET A 143 -15.30 -17.54 16.30
CA MET A 143 -16.32 -18.41 15.73
C MET A 143 -17.53 -18.48 16.64
N PRO A 144 -18.73 -18.31 16.07
CA PRO A 144 -19.95 -18.51 16.84
C PRO A 144 -20.16 -19.98 17.16
N LEU A 145 -20.44 -20.27 18.43
CA LEU A 145 -20.77 -21.63 18.85
C LEU A 145 -22.05 -22.09 18.14
N PRO A 146 -22.24 -23.41 18.02
CA PRO A 146 -23.31 -24.03 17.25
C PRO A 146 -24.66 -23.32 17.31
N GLU A 147 -25.08 -22.88 18.49
CA GLU A 147 -26.40 -22.26 18.65
C GLU A 147 -26.37 -20.74 18.66
N THR A 148 -25.19 -20.17 18.46
CA THR A 148 -25.02 -18.72 18.48
C THR A 148 -25.38 -18.08 17.14
N THR A 149 -26.13 -16.98 17.20
CA THR A 149 -26.47 -16.21 16.02
C THR A 149 -25.24 -15.48 15.48
N ILE A 150 -24.95 -15.68 14.20
CA ILE A 150 -23.93 -14.88 13.53
C ILE A 150 -24.37 -13.42 13.50
N PRO A 151 -23.55 -12.52 14.06
CA PRO A 151 -23.91 -11.12 14.11
C PRO A 151 -23.81 -10.46 12.74
N GLN A 152 -24.57 -9.39 12.54
CA GLN A 152 -24.49 -8.62 11.30
C GLN A 152 -23.24 -7.76 11.31
N MET A 153 -22.56 -7.68 10.15
CA MET A 153 -21.30 -6.96 10.03
C MET A 153 -21.20 -6.25 8.69
N ASP A 154 -20.48 -5.12 8.66
CA ASP A 154 -20.36 -4.33 7.44
C ASP A 154 -18.91 -3.95 7.11
N THR A 155 -17.98 -4.40 7.95
CA THR A 155 -16.56 -4.16 7.72
C THR A 155 -15.76 -5.44 7.87
N PHE A 156 -14.79 -5.64 6.99
CA PHE A 156 -14.06 -6.91 6.91
C PHE A 156 -12.57 -6.72 6.69
N LEU A 157 -11.79 -7.69 7.18
CA LEU A 157 -10.35 -7.72 6.95
C LEU A 157 -10.07 -8.33 5.58
N GLN A 158 -9.02 -7.86 4.91
CA GLN A 158 -8.62 -8.40 3.62
C GLN A 158 -7.97 -9.79 3.78
N LYS A 159 -8.79 -10.82 3.79
CA LYS A 159 -8.32 -12.18 4.04
C LYS A 159 -7.44 -12.68 2.91
N GLN A 160 -7.81 -12.34 1.68
CA GLN A 160 -7.02 -12.71 0.51
C GLN A 160 -5.61 -12.13 0.59
N GLU A 161 -5.53 -10.82 0.87
CA GLU A 161 -4.23 -10.15 0.99
C GLU A 161 -3.41 -10.72 2.14
N LEU A 162 -4.08 -11.03 3.24
CA LEU A 162 -3.42 -11.58 4.42
C LEU A 162 -2.70 -12.89 4.10
N GLU A 163 -3.41 -13.84 3.53
CA GLU A 163 -2.86 -15.18 3.28
C GLU A 163 -1.91 -15.18 2.08
N GLN A 164 -1.93 -14.10 1.33
CA GLN A 164 -1.03 -13.93 0.19
C GLN A 164 0.35 -13.48 0.66
N ARG A 165 0.38 -12.65 1.71
CA ARG A 165 1.62 -12.06 2.19
C ARG A 165 2.12 -12.71 3.48
N PHE A 166 1.19 -13.30 4.24
CA PHE A 166 1.52 -13.84 5.55
C PHE A 166 1.19 -15.33 5.67
N TYR A 167 1.84 -16.00 6.61
CA TYR A 167 1.53 -17.38 6.92
C TYR A 167 1.19 -17.51 8.41
N ASP A 168 0.38 -18.52 8.74
CA ASP A 168 -0.01 -18.77 10.12
C ASP A 168 1.19 -19.21 10.97
N ASN A 169 1.71 -18.29 11.78
CA ASN A 169 2.88 -18.56 12.61
C ASN A 169 2.51 -18.76 14.08
N SER A 170 1.32 -19.32 14.32
CA SER A 170 0.77 -19.40 15.67
C SER A 170 1.59 -20.27 16.61
N ASP A 171 2.41 -21.16 16.05
CA ASP A 171 3.33 -21.98 16.84
C ASP A 171 4.31 -21.10 17.63
N LYS A 172 4.36 -19.82 17.27
CA LYS A 172 5.32 -18.90 17.88
C LYS A 172 4.64 -17.75 18.61
N LEU A 173 3.34 -17.90 18.85
CA LEU A 173 2.56 -16.85 19.50
C LEU A 173 3.07 -16.54 20.90
N VAL A 174 3.17 -17.56 21.74
CA VAL A 174 3.58 -17.38 23.14
C VAL A 174 4.92 -16.66 23.25
N ASP A 175 5.90 -17.15 22.49
CA ASP A 175 7.21 -16.52 22.45
C ASP A 175 7.14 -15.07 21.97
N PHE A 176 6.21 -14.80 21.07
CA PHE A 176 6.10 -13.49 20.43
C PHE A 176 5.52 -12.43 21.37
N LEU A 177 4.64 -12.85 22.27
CA LEU A 177 4.00 -11.92 23.20
C LEU A 177 4.94 -11.52 24.32
N PRO A 178 4.76 -10.29 24.86
CA PRO A 178 5.52 -9.86 26.03
C PRO A 178 5.45 -10.90 27.13
N SER A 179 6.60 -11.21 27.73
CA SER A 179 6.70 -12.33 28.68
C SER A 179 5.72 -12.22 29.85
N SER A 180 5.35 -11.00 30.22
CA SER A 180 4.46 -10.78 31.36
C SER A 180 3.09 -11.42 31.19
N ILE A 181 2.64 -11.52 29.94
CA ILE A 181 1.30 -12.03 29.64
C ILE A 181 1.19 -13.52 29.90
N GLN A 182 0.07 -13.93 30.48
CA GLN A 182 -0.23 -15.34 30.67
C GLN A 182 -1.61 -15.66 30.15
N LEU A 183 -1.71 -16.76 29.41
CA LEU A 183 -2.99 -17.16 28.83
C LEU A 183 -3.51 -18.45 29.46
N GLU A 184 -4.81 -18.67 29.34
CA GLU A 184 -5.47 -19.80 29.97
C GLU A 184 -5.26 -21.10 29.18
N GLY A 185 -5.58 -21.06 27.89
CA GLY A 185 -5.52 -22.24 27.05
C GLY A 185 -4.11 -22.63 26.61
N ARG A 186 -4.01 -23.72 25.86
CA ARG A 186 -2.75 -24.13 25.26
C ARG A 186 -2.91 -24.30 23.76
N LEU A 187 -1.78 -24.20 23.04
CA LEU A 187 -1.80 -24.25 21.58
C LEU A 187 -2.66 -25.39 21.06
N THR A 188 -3.76 -25.02 20.40
CA THR A 188 -4.70 -26.00 19.86
C THR A 188 -4.88 -25.81 18.35
N SER A 189 -5.17 -26.90 17.65
CA SER A 189 -5.34 -26.88 16.21
C SER A 189 -6.61 -27.64 15.82
N GLN A 190 -7.58 -26.94 15.25
CA GLN A 190 -8.86 -27.57 14.89
C GLN A 190 -9.44 -27.06 13.59
N GLU A 191 -10.37 -27.83 13.03
CA GLU A 191 -11.01 -27.47 11.77
C GLU A 191 -12.35 -26.78 12.02
N TRP A 192 -12.62 -25.74 11.25
CA TRP A 192 -13.91 -25.06 11.32
C TRP A 192 -14.32 -24.55 9.94
N ASN A 193 -15.46 -25.02 9.45
CA ASN A 193 -15.95 -24.64 8.14
C ASN A 193 -14.92 -24.80 7.03
N GLY A 194 -14.13 -25.86 7.11
CA GLY A 194 -13.16 -26.17 6.06
C GLY A 194 -11.74 -25.75 6.38
N GLU A 195 -11.58 -24.59 7.01
CA GLU A 195 -10.25 -24.03 7.25
C GLU A 195 -9.64 -24.47 8.58
N LEU A 196 -8.31 -24.52 8.62
CA LEU A 196 -7.58 -24.85 9.83
C LEU A 196 -7.43 -23.64 10.75
N VAL A 197 -7.84 -23.79 12.00
CA VAL A 197 -7.74 -22.73 12.98
C VAL A 197 -6.78 -23.13 14.10
N LYS A 198 -5.71 -22.37 14.27
CA LYS A 198 -4.66 -22.71 15.22
C LYS A 198 -4.27 -21.51 16.08
N GLY A 199 -4.22 -21.72 17.39
CA GLY A 199 -3.86 -20.67 18.33
C GLY A 199 -4.24 -21.02 19.76
N LEU A 200 -4.30 -20.01 20.61
CA LEU A 200 -4.67 -20.22 22.01
C LEU A 200 -6.16 -19.98 22.22
N PRO A 201 -6.90 -21.05 22.54
CA PRO A 201 -8.35 -21.04 22.53
C PRO A 201 -8.97 -20.39 23.77
N VAL A 202 -9.98 -19.57 23.55
CA VAL A 202 -10.78 -19.02 24.64
C VAL A 202 -12.26 -19.13 24.32
N GLN A 203 -13.09 -19.11 25.36
CA GLN A 203 -14.52 -19.21 25.21
C GLN A 203 -15.23 -18.21 26.12
N GLU A 204 -16.00 -17.32 25.52
CA GLU A 204 -16.78 -16.34 26.27
C GLU A 204 -18.13 -16.10 25.60
N LYS A 205 -19.18 -16.02 26.40
CA LYS A 205 -20.53 -15.90 25.88
C LYS A 205 -20.82 -16.98 24.84
N GLY A 206 -21.37 -16.57 23.70
CA GLY A 206 -21.73 -17.52 22.66
C GLY A 206 -20.63 -17.73 21.62
N TYR A 207 -19.41 -17.35 21.97
CA TYR A 207 -18.30 -17.37 21.02
C TYR A 207 -17.13 -18.23 21.46
N GLN A 208 -16.45 -18.81 20.47
CA GLN A 208 -15.17 -19.44 20.66
C GLN A 208 -14.16 -18.66 19.83
N PHE A 209 -13.06 -18.25 20.43
CA PHE A 209 -12.04 -17.52 19.69
C PHE A 209 -10.62 -18.01 19.92
N TYR A 210 -9.75 -17.75 18.94
CA TYR A 210 -8.36 -18.18 19.00
C TYR A 210 -7.44 -16.99 18.82
N PHE A 211 -6.49 -16.84 19.72
CA PHE A 211 -5.42 -15.86 19.54
C PHE A 211 -4.36 -16.46 18.60
N THR A 212 -4.17 -15.82 17.45
CA THR A 212 -3.23 -16.31 16.46
C THR A 212 -2.18 -15.25 16.10
N LEU A 213 -1.10 -15.69 15.47
CA LEU A 213 -0.06 -14.80 14.99
C LEU A 213 0.28 -15.10 13.54
N TYR A 214 0.24 -14.07 12.70
CA TYR A 214 0.63 -14.20 11.30
C TYR A 214 1.91 -13.43 11.03
N THR A 215 2.83 -14.07 10.30
CA THR A 215 4.14 -13.50 10.00
C THR A 215 4.38 -13.41 8.50
N LYS A 216 5.13 -12.39 8.07
CA LYS A 216 5.48 -12.21 6.66
C LYS A 216 6.07 -13.48 6.07
N LYS A 217 5.58 -13.86 4.89
CA LYS A 217 6.13 -14.98 4.15
C LYS A 217 7.53 -14.64 3.65
N LEU A 218 8.37 -15.67 3.54
CA LEU A 218 9.74 -15.49 3.06
C LEU A 218 9.74 -14.78 1.70
N GLU A 219 10.69 -13.89 1.49
CA GLU A 219 10.77 -13.11 0.26
C GLU A 219 12.02 -13.43 -0.54
N HIS A 220 11.85 -13.55 -1.86
CA HIS A 220 12.97 -13.72 -2.78
C HIS A 220 13.83 -12.46 -2.81
N HIS A 221 15.11 -12.63 -3.15
CA HIS A 221 16.01 -11.49 -3.30
C HIS A 221 16.11 -11.08 -4.77
N HIS A 222 15.35 -10.04 -5.13
CA HIS A 222 15.32 -9.56 -6.51
C HIS A 222 16.25 -8.37 -6.72
N HIS A 223 16.24 -7.44 -5.76
CA HIS A 223 17.08 -6.25 -5.85
C HIS A 223 17.34 -5.61 -4.49
N HIS A 224 18.59 -5.23 -4.26
CA HIS A 224 18.97 -4.42 -3.11
C HIS A 224 19.64 -3.15 -3.60
N HIS A 225 19.20 -2.01 -3.11
CA HIS A 225 19.67 -0.72 -3.60
C HIS A 225 21.16 -0.49 -3.31
N HIS A 226 21.88 -0.07 -4.34
CA HIS A 226 23.29 0.34 -4.17
C HIS A 226 23.50 1.75 -4.72
N HIS A 227 24.45 2.47 -4.12
CA HIS A 227 24.78 3.83 -4.56
C HIS A 227 25.77 3.81 -5.71
N LYS B 3 -13.59 -1.25 -13.30
CA LYS B 3 -12.61 -2.18 -13.94
C LYS B 3 -11.69 -1.46 -14.92
N VAL B 4 -11.43 -0.17 -14.66
CA VAL B 4 -10.50 0.61 -15.47
C VAL B 4 -9.05 0.30 -15.08
N PRO B 5 -8.25 -0.17 -16.04
CA PRO B 5 -6.87 -0.55 -15.78
C PRO B 5 -6.05 0.59 -15.20
N VAL B 6 -5.35 0.31 -14.10
CA VAL B 6 -4.44 1.27 -13.49
C VAL B 6 -3.01 0.93 -13.89
N VAL B 7 -2.35 1.85 -14.59
CA VAL B 7 -1.06 1.58 -15.19
C VAL B 7 0.00 2.58 -14.76
N GLY B 8 1.04 2.06 -14.11
CA GLY B 8 2.20 2.88 -13.78
C GLY B 8 3.06 3.07 -15.01
N ILE B 9 3.50 4.30 -15.23
CA ILE B 9 4.40 4.59 -16.35
C ILE B 9 5.59 5.42 -15.89
N VAL B 10 6.79 4.94 -16.21
CA VAL B 10 8.01 5.53 -15.66
C VAL B 10 9.21 5.24 -16.54
N ALA B 11 10.18 6.16 -16.53
CA ALA B 11 11.47 5.93 -17.16
C ALA B 11 12.54 5.78 -16.09
N ALA B 12 13.28 4.69 -16.15
CA ALA B 12 14.23 4.35 -15.09
C ALA B 12 15.58 3.90 -15.64
N LEU B 13 16.66 4.38 -15.01
CA LEU B 13 18.01 4.01 -15.42
C LEU B 13 18.48 2.77 -14.68
N LEU B 14 18.81 1.72 -15.43
CA LEU B 14 19.35 0.50 -14.85
C LEU B 14 20.78 0.74 -14.34
N PRO B 15 21.23 -0.06 -13.37
CA PRO B 15 20.49 -1.18 -12.80
C PRO B 15 19.68 -0.83 -11.54
N GLU B 16 19.99 0.32 -10.93
CA GLU B 16 19.34 0.73 -9.68
C GLU B 16 17.96 1.35 -9.92
N MET B 17 17.62 1.57 -11.19
CA MET B 17 16.35 2.17 -11.57
C MET B 17 16.15 3.56 -10.96
N GLY B 18 17.14 4.43 -11.16
CA GLY B 18 17.02 5.83 -10.79
C GLY B 18 16.08 6.55 -11.73
N ILE B 19 15.33 7.51 -11.20
CA ILE B 19 14.27 8.17 -11.96
C ILE B 19 14.30 9.70 -11.86
N GLY B 20 14.96 10.20 -10.83
CA GLY B 20 15.00 11.64 -10.60
C GLY B 20 16.21 12.11 -9.82
N PHE B 21 16.50 13.40 -9.93
CA PHE B 21 17.58 14.03 -9.17
C PHE B 21 17.26 15.50 -8.92
N GLN B 22 17.23 15.88 -7.65
CA GLN B 22 17.00 17.27 -7.25
C GLN B 22 15.74 17.88 -7.87
N GLY B 23 14.67 17.10 -7.91
CA GLY B 23 13.36 17.59 -8.36
C GLY B 23 13.12 17.48 -9.86
N ASN B 24 14.13 17.04 -10.60
CA ASN B 24 14.01 16.90 -12.05
C ASN B 24 14.47 15.54 -12.57
N LEU B 25 14.34 15.33 -13.86
CA LEU B 25 14.83 14.13 -14.52
C LEU B 25 16.35 14.21 -14.69
N PRO B 26 17.04 13.07 -14.53
CA PRO B 26 18.49 13.01 -14.71
C PRO B 26 18.90 13.07 -16.17
N TRP B 27 17.92 13.12 -17.07
CA TRP B 27 18.18 13.11 -18.49
C TRP B 27 17.14 13.92 -19.26
N ARG B 28 17.38 14.09 -20.55
CA ARG B 28 16.46 14.83 -21.42
C ARG B 28 16.38 14.11 -22.75
N LEU B 29 15.39 13.24 -22.89
CA LEU B 29 15.27 12.41 -24.08
C LEU B 29 13.94 12.65 -24.80
N ALA B 30 14.01 13.41 -25.89
CA ALA B 30 12.82 13.79 -26.65
C ALA B 30 11.96 12.60 -27.06
N LYS B 31 12.62 11.52 -27.50
CA LYS B 31 11.90 10.36 -28.02
C LYS B 31 11.26 9.52 -26.92
N GLU B 32 11.78 9.65 -25.70
CA GLU B 32 11.18 9.00 -24.56
C GLU B 32 9.99 9.83 -24.08
N MET B 33 10.14 11.16 -24.13
CA MET B 33 9.06 12.09 -23.82
C MET B 33 7.88 11.86 -24.76
N LYS B 34 8.18 11.76 -26.06
CA LYS B 34 7.15 11.56 -27.07
C LYS B 34 6.38 10.25 -26.87
N TYR B 35 7.10 9.17 -26.54
CA TYR B 35 6.48 7.90 -26.21
C TYR B 35 5.51 8.06 -25.03
N PHE B 36 5.93 8.81 -24.03
CA PHE B 36 5.11 9.05 -22.85
C PHE B 36 3.87 9.87 -23.20
N ARG B 37 4.06 10.93 -23.98
CA ARG B 37 2.97 11.79 -24.39
C ARG B 37 1.92 11.03 -25.18
N GLU B 38 2.36 10.25 -26.16
CA GLU B 38 1.45 9.49 -27.01
C GLU B 38 0.73 8.39 -26.25
N VAL B 39 1.47 7.62 -25.45
CA VAL B 39 0.87 6.54 -24.66
C VAL B 39 -0.25 7.05 -23.75
N THR B 40 0.04 8.07 -22.96
CA THR B 40 -0.92 8.60 -21.99
C THR B 40 -2.06 9.37 -22.64
N THR B 41 -1.83 9.87 -23.84
CA THR B 41 -2.82 10.70 -24.54
C THR B 41 -3.76 9.87 -25.41
N LEU B 42 -3.18 8.99 -26.23
CA LEU B 42 -3.96 8.20 -27.16
C LEU B 42 -4.85 7.17 -26.46
N THR B 43 -6.03 6.95 -27.04
CA THR B 43 -6.95 5.91 -26.55
C THR B 43 -7.48 5.14 -27.75
N ASN B 44 -7.90 3.90 -27.51
CA ASN B 44 -8.53 3.10 -28.55
C ASN B 44 -9.95 3.57 -28.84
N ASP B 45 -10.56 4.23 -27.86
CA ASP B 45 -11.91 4.78 -28.01
C ASP B 45 -11.85 6.31 -28.01
N ASN B 46 -12.23 6.91 -29.14
CA ASN B 46 -12.10 8.35 -29.34
C ASN B 46 -12.95 9.20 -28.40
N SER B 47 -13.98 8.58 -27.83
CA SER B 47 -14.90 9.28 -26.94
C SER B 47 -14.39 9.29 -25.49
N LYS B 48 -13.27 8.64 -25.26
CA LYS B 48 -12.69 8.58 -23.93
C LYS B 48 -11.34 9.30 -23.86
N GLN B 49 -10.97 9.70 -22.64
CA GLN B 49 -9.64 10.22 -22.38
C GLN B 49 -8.98 9.36 -21.31
N ASN B 50 -7.67 9.49 -21.17
CA ASN B 50 -6.96 8.84 -20.09
C ASN B 50 -6.79 9.80 -18.91
N VAL B 51 -6.58 9.24 -17.71
CA VAL B 51 -6.25 10.05 -16.55
C VAL B 51 -4.76 9.96 -16.24
N VAL B 52 -4.18 11.09 -15.82
CA VAL B 52 -2.82 11.10 -15.32
C VAL B 52 -2.79 11.61 -13.88
N ILE B 53 -2.38 10.74 -12.97
CA ILE B 53 -2.26 11.09 -11.56
C ILE B 53 -0.78 11.27 -11.20
N MET B 54 -0.50 12.28 -10.39
CA MET B 54 0.88 12.61 -10.05
C MET B 54 0.98 13.29 -8.68
N GLY B 55 2.11 13.09 -8.01
CA GLY B 55 2.39 13.81 -6.77
C GLY B 55 2.59 15.30 -7.02
N ARG B 56 2.48 16.08 -5.95
CA ARG B 56 2.60 17.53 -6.03
C ARG B 56 3.96 17.98 -6.57
N LYS B 57 5.03 17.31 -6.13
CA LYS B 57 6.39 17.69 -6.53
C LYS B 57 6.65 17.41 -8.00
N THR B 58 6.05 16.33 -8.51
CA THR B 58 6.14 16.01 -9.92
C THR B 58 5.41 17.08 -10.75
N TRP B 59 4.25 17.50 -10.27
CA TRP B 59 3.47 18.55 -10.93
C TRP B 59 4.26 19.85 -11.03
N GLU B 60 4.99 20.19 -9.97
CA GLU B 60 5.76 21.43 -9.92
C GLU B 60 7.01 21.37 -10.79
N SER B 61 7.37 20.15 -11.21
CA SER B 61 8.55 19.95 -12.05
C SER B 61 8.23 20.14 -13.53
N ILE B 62 6.95 20.14 -13.87
CA ILE B 62 6.53 20.35 -15.24
C ILE B 62 6.50 21.85 -15.57
N PRO B 63 7.14 22.23 -16.68
CA PRO B 63 7.12 23.63 -17.10
C PRO B 63 5.70 24.16 -17.15
N GLN B 64 5.47 25.33 -16.57
CA GLN B 64 4.13 25.90 -16.47
C GLN B 64 3.42 26.02 -17.80
N LYS B 65 4.18 25.98 -18.89
CA LYS B 65 3.64 26.12 -20.23
C LYS B 65 3.06 24.81 -20.75
N PHE B 66 3.53 23.70 -20.19
CA PHE B 66 3.15 22.36 -20.66
C PHE B 66 2.12 21.69 -19.76
N ARG B 67 1.68 22.39 -18.72
CA ARG B 67 0.72 21.82 -17.78
C ARG B 67 -0.55 22.68 -17.65
N PRO B 68 -1.70 22.03 -17.45
CA PRO B 68 -1.82 20.58 -17.32
C PRO B 68 -1.60 19.87 -18.66
N LEU B 69 -1.20 18.61 -18.60
CA LEU B 69 -0.98 17.82 -19.82
C LEU B 69 -2.26 17.74 -20.64
N PRO B 70 -2.22 18.26 -21.87
CA PRO B 70 -3.40 18.40 -22.75
C PRO B 70 -4.06 17.07 -23.11
N LYS B 71 -5.38 17.09 -23.25
CA LYS B 71 -6.16 15.94 -23.70
C LYS B 71 -6.17 14.78 -22.71
N ARG B 72 -5.65 15.02 -21.51
CA ARG B 72 -5.71 14.06 -20.42
C ARG B 72 -6.23 14.74 -19.16
N ILE B 73 -7.05 14.02 -18.39
CA ILE B 73 -7.49 14.52 -17.10
C ILE B 73 -6.32 14.48 -16.12
N ASN B 74 -5.92 15.64 -15.62
CA ASN B 74 -4.82 15.76 -14.67
C ASN B 74 -5.31 15.73 -13.23
N VAL B 75 -4.63 14.93 -12.41
CA VAL B 75 -4.94 14.86 -10.99
C VAL B 75 -3.67 15.00 -10.18
N VAL B 76 -3.62 16.04 -9.36
CA VAL B 76 -2.48 16.27 -8.47
C VAL B 76 -2.88 15.94 -7.04
N VAL B 77 -2.06 15.13 -6.37
CA VAL B 77 -2.35 14.70 -5.00
C VAL B 77 -1.43 15.36 -3.98
N SER B 78 -2.02 15.90 -2.92
CA SER B 78 -1.27 16.55 -1.85
C SER B 78 -1.98 16.35 -0.52
N ARG B 79 -1.22 16.06 0.53
CA ARG B 79 -1.78 15.78 1.84
C ARG B 79 -2.60 16.96 2.36
N SER B 80 -2.35 18.14 1.81
CA SER B 80 -3.00 19.37 2.29
C SER B 80 -4.12 19.85 1.39
N PHE B 81 -4.57 19.00 0.48
CA PHE B 81 -5.72 19.33 -0.36
C PHE B 81 -7.03 19.00 0.36
N ASP B 82 -8.13 19.59 -0.11
CA ASP B 82 -9.39 19.54 0.61
C ASP B 82 -10.06 18.16 0.63
N GLY B 83 -10.39 17.65 -0.56
CA GLY B 83 -11.16 16.41 -0.66
C GLY B 83 -10.47 15.29 -1.41
N GLU B 84 -11.20 14.22 -1.67
CA GLU B 84 -10.66 13.05 -2.35
C GLU B 84 -10.55 13.26 -3.86
N LEU B 85 -11.40 14.13 -4.39
CA LEU B 85 -11.36 14.46 -5.80
C LEU B 85 -12.25 15.65 -6.13
N ARG B 86 -11.64 16.79 -6.43
CA ARG B 86 -12.40 17.98 -6.78
C ARG B 86 -11.75 18.75 -7.90
N LYS B 87 -12.58 19.21 -8.84
CA LYS B 87 -12.13 20.07 -9.93
C LYS B 87 -11.73 21.43 -9.37
N VAL B 88 -10.52 21.87 -9.68
CA VAL B 88 -10.07 23.19 -9.26
C VAL B 88 -9.79 24.10 -10.45
N GLU B 89 -9.54 23.50 -11.60
CA GLU B 89 -9.33 24.23 -12.85
C GLU B 89 -9.75 23.35 -14.02
N ASP B 90 -9.85 23.96 -15.20
CA ASP B 90 -10.13 23.20 -16.41
C ASP B 90 -8.99 22.22 -16.66
N GLY B 91 -9.30 20.93 -16.50
CA GLY B 91 -8.32 19.89 -16.75
C GLY B 91 -7.50 19.50 -15.53
N ILE B 92 -7.77 20.16 -14.41
CA ILE B 92 -7.02 19.90 -13.17
C ILE B 92 -7.93 19.51 -12.00
N TYR B 93 -7.70 18.31 -11.48
CA TYR B 93 -8.37 17.87 -10.25
C TYR B 93 -7.38 17.82 -9.11
N HIS B 94 -7.86 18.12 -7.90
CA HIS B 94 -7.03 18.02 -6.71
C HIS B 94 -7.52 16.88 -5.82
N SER B 95 -6.57 16.21 -5.17
CA SER B 95 -6.91 15.12 -4.25
C SER B 95 -5.94 15.06 -3.08
N ASN B 96 -6.45 14.77 -1.90
CA ASN B 96 -5.62 14.62 -0.72
C ASN B 96 -5.31 13.16 -0.40
N SER B 97 -5.66 12.26 -1.32
CA SER B 97 -5.43 10.83 -1.13
C SER B 97 -5.34 10.08 -2.45
N LEU B 98 -4.19 9.48 -2.70
CA LEU B 98 -3.97 8.67 -3.90
C LEU B 98 -4.95 7.50 -3.98
N ARG B 99 -5.11 6.78 -2.87
CA ARG B 99 -5.98 5.61 -2.83
C ARG B 99 -7.46 5.97 -3.02
N ASN B 100 -7.92 6.99 -2.29
CA ASN B 100 -9.30 7.44 -2.40
C ASN B 100 -9.59 8.04 -3.76
N CYS B 101 -8.62 8.80 -4.26
CA CYS B 101 -8.70 9.38 -5.58
C CYS B 101 -8.98 8.32 -6.64
N LEU B 102 -8.36 7.15 -6.49
CA LEU B 102 -8.54 6.05 -7.44
C LEU B 102 -9.93 5.45 -7.35
N THR B 103 -10.37 5.16 -6.12
CA THR B 103 -11.72 4.63 -5.90
C THR B 103 -12.75 5.57 -6.49
N ALA B 104 -12.52 6.87 -6.33
CA ALA B 104 -13.42 7.88 -6.89
C ALA B 104 -13.46 7.80 -8.41
N LEU B 105 -12.29 7.67 -9.02
CA LEU B 105 -12.19 7.62 -10.48
C LEU B 105 -12.88 6.38 -11.07
N GLN B 106 -12.81 5.26 -10.35
CA GLN B 106 -13.37 4.00 -10.82
C GLN B 106 -14.90 4.00 -10.88
N SER B 107 -15.52 4.85 -10.08
CA SER B 107 -16.98 4.96 -10.06
C SER B 107 -17.55 5.24 -11.45
N SER B 108 -18.32 4.29 -11.98
CA SER B 108 -18.86 4.40 -13.33
C SER B 108 -19.98 5.44 -13.40
N LEU B 109 -20.57 5.75 -12.27
CA LEU B 109 -21.56 6.82 -12.18
C LEU B 109 -20.87 8.16 -12.43
N ALA B 110 -19.73 8.35 -11.79
CA ALA B 110 -18.98 9.60 -11.86
C ALA B 110 -18.23 9.75 -13.19
N ASN B 111 -17.64 8.66 -13.66
CA ASN B 111 -16.81 8.71 -14.86
C ASN B 111 -17.56 8.38 -16.16
N GLU B 112 -18.79 7.89 -16.01
CA GLU B 112 -19.65 7.58 -17.16
C GLU B 112 -18.98 6.63 -18.15
N ASN B 113 -18.10 5.77 -17.66
CA ASN B 113 -17.29 4.92 -18.52
C ASN B 113 -16.64 5.72 -19.64
N LYS B 114 -16.29 6.96 -19.34
CA LYS B 114 -15.69 7.86 -20.32
C LYS B 114 -14.17 7.92 -20.13
N ILE B 115 -13.66 7.06 -19.24
CA ILE B 115 -12.22 6.93 -19.02
C ILE B 115 -11.77 5.54 -19.48
N GLU B 116 -10.63 5.49 -20.18
CA GLU B 116 -10.11 4.22 -20.69
C GLU B 116 -9.03 3.64 -19.78
N ARG B 117 -8.02 4.45 -19.47
CA ARG B 117 -6.95 4.03 -18.57
C ARG B 117 -6.57 5.11 -17.57
N ILE B 118 -6.11 4.68 -16.39
CA ILE B 118 -5.57 5.60 -15.39
C ILE B 118 -4.06 5.42 -15.29
N TYR B 119 -3.33 6.48 -15.66
CA TYR B 119 -1.88 6.43 -15.64
C TYR B 119 -1.30 7.15 -14.43
N ILE B 120 -0.54 6.44 -13.63
CA ILE B 120 0.21 7.05 -12.54
C ILE B 120 1.57 7.50 -13.09
N ILE B 121 1.68 8.80 -13.35
CA ILE B 121 2.82 9.34 -14.08
C ILE B 121 3.97 9.75 -13.19
N GLY B 122 3.92 9.35 -11.92
CA GLY B 122 5.12 9.30 -11.13
C GLY B 122 5.19 10.15 -9.88
N GLY B 123 6.43 10.48 -9.52
CA GLY B 123 6.77 10.82 -8.17
C GLY B 123 7.31 9.57 -7.52
N GLY B 124 8.53 9.63 -7.01
CA GLY B 124 9.13 8.51 -6.29
C GLY B 124 8.24 8.06 -5.15
N GLU B 125 7.70 9.03 -4.42
CA GLU B 125 6.83 8.75 -3.29
C GLU B 125 5.52 8.12 -3.76
N ILE B 126 5.02 8.60 -4.89
CA ILE B 126 3.79 8.07 -5.49
C ILE B 126 3.98 6.64 -6.02
N TYR B 127 5.00 6.45 -6.86
CA TYR B 127 5.33 5.12 -7.40
C TYR B 127 5.46 4.10 -6.27
N ARG B 128 6.06 4.52 -5.16
CA ARG B 128 6.30 3.66 -4.00
C ARG B 128 4.99 3.18 -3.38
N GLN B 129 3.90 3.93 -3.60
CA GLN B 129 2.60 3.57 -3.05
C GLN B 129 1.70 2.93 -4.12
N SER B 130 2.22 2.83 -5.34
CA SER B 130 1.43 2.36 -6.46
C SER B 130 1.63 0.87 -6.73
N MET B 131 2.60 0.26 -6.03
CA MET B 131 2.96 -1.13 -6.27
C MET B 131 1.78 -2.09 -6.05
N ASP B 132 0.96 -1.80 -5.05
CA ASP B 132 -0.22 -2.60 -4.76
C ASP B 132 -1.43 -2.11 -5.53
N LEU B 133 -1.31 -0.95 -6.16
CA LEU B 133 -2.45 -0.31 -6.80
C LEU B 133 -2.51 -0.56 -8.30
N ALA B 134 -1.34 -0.59 -8.94
CA ALA B 134 -1.27 -0.71 -10.40
C ALA B 134 -1.50 -2.14 -10.89
N ASP B 135 -2.15 -2.26 -12.04
CA ASP B 135 -2.34 -3.56 -12.69
C ASP B 135 -1.12 -3.90 -13.53
N HIS B 136 -0.58 -2.90 -14.21
CA HIS B 136 0.59 -3.08 -15.06
C HIS B 136 1.61 -2.00 -14.76
N TRP B 137 2.81 -2.14 -15.35
CA TRP B 137 3.80 -1.09 -15.33
C TRP B 137 4.39 -0.88 -16.72
N LEU B 138 4.34 0.34 -17.21
CA LEU B 138 5.08 0.71 -18.41
C LEU B 138 6.40 1.34 -18.02
N ILE B 139 7.44 0.53 -18.01
CA ILE B 139 8.75 0.97 -17.57
C ILE B 139 9.72 1.07 -18.73
N THR B 140 10.23 2.27 -18.98
CA THR B 140 11.29 2.48 -19.95
C THR B 140 12.65 2.26 -19.28
N LYS B 141 13.25 1.10 -19.54
CA LYS B 141 14.55 0.76 -18.96
C LYS B 141 15.67 1.44 -19.74
N ILE B 142 16.42 2.28 -19.04
CA ILE B 142 17.45 3.10 -19.69
C ILE B 142 18.85 2.65 -19.29
N MET B 143 19.75 2.59 -20.27
CA MET B 143 21.13 2.21 -20.04
C MET B 143 22.06 3.21 -20.71
N PRO B 144 23.08 3.67 -19.98
CA PRO B 144 24.11 4.52 -20.56
C PRO B 144 24.99 3.70 -21.51
N LEU B 145 25.20 4.22 -22.72
CA LEU B 145 26.11 3.58 -23.66
C LEU B 145 27.53 3.59 -23.09
N PRO B 146 28.39 2.66 -23.56
CA PRO B 146 29.72 2.41 -23.01
C PRO B 146 30.50 3.65 -22.55
N GLU B 147 30.46 4.72 -23.33
CA GLU B 147 31.25 5.91 -23.00
C GLU B 147 30.44 7.01 -22.33
N THR B 148 29.17 6.71 -22.03
CA THR B 148 28.29 7.69 -21.41
C THR B 148 28.45 7.74 -19.90
N THR B 149 28.52 8.94 -19.36
CA THR B 149 28.57 9.14 -17.91
C THR B 149 27.23 8.77 -17.27
N ILE B 150 27.26 7.91 -16.26
CA ILE B 150 26.07 7.66 -15.45
C ILE B 150 25.71 8.94 -14.71
N PRO B 151 24.47 9.42 -14.90
CA PRO B 151 24.06 10.65 -14.25
C PRO B 151 23.81 10.45 -12.76
N GLN B 152 23.93 11.52 -11.99
CA GLN B 152 23.64 11.48 -10.56
C GLN B 152 22.13 11.47 -10.32
N MET B 153 21.68 10.64 -9.37
CA MET B 153 20.25 10.47 -9.11
C MET B 153 19.99 10.32 -7.62
N ASP B 154 18.81 10.77 -7.18
CA ASP B 154 18.46 10.73 -5.75
C ASP B 154 17.08 10.12 -5.49
N THR B 155 16.42 9.68 -6.55
CA THR B 155 15.12 9.03 -6.43
C THR B 155 15.08 7.76 -7.26
N PHE B 156 14.48 6.71 -6.71
CA PHE B 156 14.52 5.39 -7.33
C PHE B 156 13.18 4.66 -7.27
N LEU B 157 12.96 3.77 -8.23
CA LEU B 157 11.79 2.90 -8.23
C LEU B 157 12.07 1.68 -7.36
N GLN B 158 11.03 1.19 -6.69
CA GLN B 158 11.13 -0.01 -5.85
C GLN B 158 11.26 -1.27 -6.72
N LYS B 159 12.49 -1.61 -7.08
CA LYS B 159 12.75 -2.72 -7.99
C LYS B 159 12.40 -4.06 -7.34
N GLN B 160 12.70 -4.18 -6.05
CA GLN B 160 12.39 -5.38 -5.29
C GLN B 160 10.88 -5.65 -5.28
N GLU B 161 10.11 -4.62 -4.96
CA GLU B 161 8.64 -4.73 -4.94
C GLU B 161 8.09 -5.05 -6.31
N LEU B 162 8.68 -4.44 -7.33
CA LEU B 162 8.24 -4.62 -8.71
C LEU B 162 8.34 -6.08 -9.15
N GLU B 163 9.51 -6.69 -8.98
CA GLU B 163 9.76 -8.05 -9.45
C GLU B 163 9.13 -9.09 -8.52
N GLN B 164 8.68 -8.63 -7.36
CA GLN B 164 7.99 -9.50 -6.40
C GLN B 164 6.52 -9.65 -6.78
N ARG B 165 5.94 -8.59 -7.34
CA ARG B 165 4.51 -8.57 -7.67
C ARG B 165 4.25 -8.70 -9.16
N PHE B 166 5.22 -8.32 -9.97
CA PHE B 166 5.04 -8.27 -11.42
C PHE B 166 6.06 -9.13 -12.16
N TYR B 167 5.74 -9.49 -13.40
CA TYR B 167 6.67 -10.20 -14.26
C TYR B 167 6.83 -9.44 -15.58
N ASP B 168 7.97 -9.63 -16.23
CA ASP B 168 8.25 -8.98 -17.51
C ASP B 168 7.35 -9.53 -18.62
N ASN B 169 6.32 -8.76 -18.98
CA ASN B 169 5.36 -9.18 -19.98
C ASN B 169 5.56 -8.45 -21.31
N SER B 170 6.82 -8.13 -21.61
CA SER B 170 7.15 -7.29 -22.76
C SER B 170 6.79 -7.91 -24.10
N ASP B 171 6.61 -9.23 -24.12
CA ASP B 171 6.14 -9.93 -25.32
C ASP B 171 4.75 -9.43 -25.74
N LYS B 172 4.08 -8.71 -24.84
CA LYS B 172 2.73 -8.25 -25.08
C LYS B 172 2.63 -6.73 -25.11
N LEU B 173 3.77 -6.06 -25.19
CA LEU B 173 3.81 -4.60 -25.18
C LEU B 173 3.02 -3.99 -26.34
N VAL B 174 3.35 -4.40 -27.57
CA VAL B 174 2.73 -3.84 -28.76
C VAL B 174 1.21 -3.95 -28.71
N ASP B 175 0.72 -5.15 -28.40
CA ASP B 175 -0.72 -5.38 -28.26
C ASP B 175 -1.33 -4.51 -27.17
N PHE B 176 -0.55 -4.25 -26.11
CA PHE B 176 -1.05 -3.54 -24.96
C PHE B 176 -1.22 -2.05 -25.21
N LEU B 177 -0.38 -1.49 -26.07
CA LEU B 177 -0.44 -0.06 -26.38
C LEU B 177 -1.61 0.26 -27.31
N PRO B 178 -2.15 1.49 -27.19
CA PRO B 178 -3.19 1.94 -28.12
C PRO B 178 -2.74 1.73 -29.56
N SER B 179 -3.63 1.19 -30.39
CA SER B 179 -3.28 0.77 -31.74
C SER B 179 -2.66 1.88 -32.59
N SER B 180 -3.02 3.13 -32.30
CA SER B 180 -2.54 4.27 -33.09
C SER B 180 -1.03 4.44 -33.03
N ILE B 181 -0.42 4.00 -31.93
CA ILE B 181 1.01 4.18 -31.72
C ILE B 181 1.84 3.27 -32.63
N GLN B 182 2.93 3.81 -33.16
CA GLN B 182 3.88 3.03 -33.94
C GLN B 182 5.28 3.27 -33.44
N LEU B 183 6.04 2.20 -33.27
CA LEU B 183 7.40 2.30 -32.77
C LEU B 183 8.41 1.92 -33.85
N GLU B 184 9.65 2.37 -33.67
CA GLU B 184 10.70 2.18 -34.66
C GLU B 184 11.28 0.76 -34.58
N GLY B 185 11.70 0.37 -33.39
CA GLY B 185 12.37 -0.92 -33.20
C GLY B 185 11.44 -2.11 -33.17
N ARG B 186 12.03 -3.30 -33.03
CA ARG B 186 11.25 -4.53 -32.87
C ARG B 186 11.67 -5.27 -31.60
N LEU B 187 10.77 -6.09 -31.08
CA LEU B 187 11.00 -6.79 -29.82
C LEU B 187 12.40 -7.41 -29.75
N THR B 188 13.23 -6.88 -28.87
CA THR B 188 14.60 -7.36 -28.72
C THR B 188 14.86 -7.81 -27.28
N SER B 189 15.77 -8.77 -27.13
CA SER B 189 16.09 -9.34 -25.84
C SER B 189 17.61 -9.44 -25.67
N GLN B 190 18.17 -8.67 -24.72
CA GLN B 190 19.61 -8.66 -24.52
C GLN B 190 20.02 -8.59 -23.07
N GLU B 191 21.28 -8.93 -22.80
CA GLU B 191 21.80 -8.90 -21.44
C GLU B 191 22.55 -7.61 -21.17
N TRP B 192 22.37 -7.06 -19.98
CA TRP B 192 23.10 -5.87 -19.55
C TRP B 192 23.36 -5.92 -18.05
N ASN B 193 24.63 -5.92 -17.68
CA ASN B 193 25.04 -5.98 -16.28
C ASN B 193 24.41 -7.14 -15.52
N GLY B 194 24.26 -8.29 -16.19
CA GLY B 194 23.75 -9.49 -15.55
C GLY B 194 22.28 -9.77 -15.80
N GLU B 195 21.48 -8.71 -15.87
CA GLU B 195 20.03 -8.86 -16.00
C GLU B 195 19.54 -8.88 -17.45
N LEU B 196 18.42 -9.57 -17.67
CA LEU B 196 17.81 -9.64 -19.00
C LEU B 196 16.94 -8.42 -19.26
N VAL B 197 17.20 -7.73 -20.37
CA VAL B 197 16.43 -6.56 -20.76
C VAL B 197 15.68 -6.84 -22.06
N LYS B 198 14.36 -6.76 -22.01
CA LYS B 198 13.52 -7.11 -23.14
C LYS B 198 12.46 -6.05 -23.41
N GLY B 199 12.35 -5.62 -24.66
CA GLY B 199 11.37 -4.63 -25.06
C GLY B 199 11.66 -4.03 -26.42
N LEU B 200 11.10 -2.86 -26.68
CA LEU B 200 11.31 -2.18 -27.95
C LEU B 200 12.44 -1.15 -27.84
N PRO B 201 13.56 -1.41 -28.50
CA PRO B 201 14.80 -0.66 -28.31
C PRO B 201 14.80 0.69 -29.01
N VAL B 202 15.29 1.70 -28.32
CA VAL B 202 15.52 3.02 -28.90
C VAL B 202 16.88 3.55 -28.47
N GLN B 203 17.43 4.47 -29.26
CA GLN B 203 18.72 5.06 -28.97
C GLN B 203 18.67 6.56 -29.22
N GLU B 204 18.95 7.33 -28.17
CA GLU B 204 19.01 8.79 -28.28
C GLU B 204 20.13 9.33 -27.40
N LYS B 205 20.86 10.32 -27.92
CA LYS B 205 22.03 10.86 -27.23
C LYS B 205 22.96 9.73 -26.77
N GLY B 206 23.38 9.79 -25.51
CA GLY B 206 24.31 8.80 -24.98
C GLY B 206 23.63 7.62 -24.32
N TYR B 207 22.35 7.43 -24.61
CA TYR B 207 21.56 6.40 -23.94
C TYR B 207 20.95 5.38 -24.88
N GLN B 208 20.80 4.17 -24.36
CA GLN B 208 20.00 3.13 -25.00
C GLN B 208 18.86 2.81 -24.03
N PHE B 209 17.63 2.81 -24.53
CA PHE B 209 16.50 2.47 -23.68
C PHE B 209 15.50 1.51 -24.31
N TYR B 210 14.77 0.80 -23.45
CA TYR B 210 13.81 -0.19 -23.90
C TYR B 210 12.44 0.13 -23.31
N PHE B 211 11.42 0.16 -24.16
CA PHE B 211 10.05 0.23 -23.69
C PHE B 211 9.59 -1.17 -23.28
N THR B 212 9.26 -1.34 -22.01
CA THR B 212 8.85 -2.64 -21.49
C THR B 212 7.47 -2.56 -20.82
N LEU B 213 6.86 -3.72 -20.64
CA LEU B 213 5.58 -3.83 -19.95
C LEU B 213 5.65 -4.89 -18.86
N TYR B 214 5.28 -4.50 -17.63
CA TYR B 214 5.20 -5.44 -16.52
C TYR B 214 3.76 -5.67 -16.10
N THR B 215 3.42 -6.94 -15.87
CA THR B 215 2.05 -7.32 -15.53
C THR B 215 2.00 -8.07 -14.20
N LYS B 216 0.90 -7.91 -13.48
CA LYS B 216 0.70 -8.61 -12.20
C LYS B 216 0.92 -10.11 -12.33
N LYS B 217 1.69 -10.67 -11.39
CA LYS B 217 1.90 -12.11 -11.33
C LYS B 217 0.61 -12.81 -10.93
N LEU B 218 0.44 -14.05 -11.41
CA LEU B 218 -0.74 -14.83 -11.09
C LEU B 218 -0.91 -14.94 -9.58
N GLU B 219 -2.16 -14.87 -9.12
CA GLU B 219 -2.45 -14.91 -7.70
C GLU B 219 -3.25 -16.15 -7.30
N HIS B 220 -2.85 -16.76 -6.18
CA HIS B 220 -3.58 -17.89 -5.61
C HIS B 220 -4.95 -17.43 -5.11
N HIS B 221 -5.90 -18.35 -5.06
CA HIS B 221 -7.22 -18.06 -4.53
C HIS B 221 -7.32 -18.47 -3.06
N HIS B 222 -7.17 -17.50 -2.17
CA HIS B 222 -7.19 -17.75 -0.74
C HIS B 222 -8.56 -17.45 -0.13
N HIS B 223 -9.17 -16.35 -0.56
CA HIS B 223 -10.48 -15.97 -0.05
C HIS B 223 -11.23 -15.02 -0.98
N HIS B 224 -12.51 -15.28 -1.16
CA HIS B 224 -13.40 -14.35 -1.87
C HIS B 224 -14.56 -14.00 -0.94
N HIS B 225 -14.81 -12.71 -0.78
CA HIS B 225 -15.81 -12.24 0.17
C HIS B 225 -17.23 -12.69 -0.17
N HIS B 226 -17.93 -13.23 0.82
CA HIS B 226 -19.35 -13.58 0.67
C HIS B 226 -20.19 -12.91 1.76
N HIS B 227 -21.44 -12.60 1.43
CA HIS B 227 -22.35 -12.00 2.40
C HIS B 227 -23.04 -13.05 3.26
PA NDP C . -11.24 3.67 10.19
O1A NDP C . -10.35 2.79 9.40
O2A NDP C . -11.09 3.45 11.64
O5B NDP C . -10.94 5.20 9.82
C5B NDP C . -11.10 5.68 8.50
C4B NDP C . -10.67 7.14 8.53
O4B NDP C . -9.30 7.23 8.87
C3B NDP C . -10.84 7.88 7.23
O3B NDP C . -12.13 8.45 7.13
C2B NDP C . -9.79 8.96 7.36
O2B NDP C . -10.30 9.92 8.25
C1B NDP C . -8.68 8.27 8.14
N9A NDP C . -7.68 7.70 7.22
C8A NDP C . -7.83 6.58 6.45
N7A NDP C . -6.69 6.37 5.76
C5A NDP C . -5.80 7.33 6.11
C6A NDP C . -4.49 7.57 5.72
N6A NDP C . -3.88 6.77 4.84
N1A NDP C . -3.81 8.64 6.26
C2A NDP C . -4.43 9.47 7.16
N3A NDP C . -5.73 9.22 7.54
C4A NDP C . -6.41 8.17 7.03
O3 NDP C . -12.76 3.47 9.71
PN NDP C . -13.58 2.16 9.27
O1N NDP C . -15.00 2.51 9.21
O2N NDP C . -12.90 1.56 8.09
O5D NDP C . -13.35 1.19 10.53
C5D NDP C . -14.14 1.35 11.70
C4D NDP C . -14.82 0.04 12.04
O4D NDP C . -13.84 -0.95 12.31
C3D NDP C . -15.67 0.18 13.29
O3D NDP C . -16.90 -0.48 13.06
C2D NDP C . -14.91 -0.58 14.36
O2D NDP C . -15.78 -1.25 15.23
C1D NDP C . -14.10 -1.58 13.55
N1N NDP C . -12.87 -1.98 14.24
C2N NDP C . -12.71 -3.28 14.59
C3N NDP C . -11.56 -3.71 15.24
C7N NDP C . -11.40 -5.16 15.58
O7N NDP C . -10.18 -5.63 16.06
N7N NDP C . -12.45 -5.98 15.43
C4N NDP C . -10.56 -2.80 15.54
C5N NDP C . -10.72 -1.46 15.16
C6N NDP C . -11.88 -1.06 14.50
P2B NDP C . -10.89 11.33 7.78
O1X NDP C . -12.27 11.10 7.22
O2X NDP C . -10.96 12.27 8.96
O3X NDP C . -9.98 11.93 6.72
C1P 55V D . -9.75 -1.35 24.61
O1O 55V D . -10.46 -0.11 24.53
C1N 55V D . -11.31 -0.12 23.46
C1M 55V D . -10.81 -0.38 22.18
C1Q 55V D . -12.68 0.13 23.63
O1V 55V D . -13.18 0.41 24.88
C1W 55V D . -12.99 -0.68 25.79
C1R 55V D . -13.53 0.13 22.53
O1T 55V D . -14.86 0.39 22.71
C1U 55V D . -15.62 0.13 21.53
C1S 55V D . -13.02 -0.12 21.26
C1L 55V D . -11.66 -0.40 21.08
C1J 55V D . -11.08 -0.65 19.66
C1K 55V D . -9.94 0.35 19.41
C1X 55V D . -12.15 -0.49 18.60
C1I 55V D . -10.52 -2.00 19.59
C1H 55V D . -10.03 -3.13 19.47
C5 55V D . -9.43 -4.42 19.34
C4 55V D . -9.91 -5.49 20.08
C1Y 55V D . -11.07 -5.30 21.05
N3 55V D . -9.34 -6.69 19.93
C2 55V D . -8.31 -6.87 19.08
N1Z 55V D . -7.78 -8.08 18.96
N1 55V D . -7.84 -5.85 18.36
C6 55V D . -8.37 -4.62 18.46
N1G 55V D . -7.89 -3.62 17.73
PA NDP E . 6.26 13.07 -5.74
O1A NDP E . 6.06 11.61 -5.59
O2A NDP E . 6.05 13.51 -7.13
O5B NDP E . 5.26 13.85 -4.76
C5B NDP E . 5.34 13.71 -3.36
C4B NDP E . 4.24 14.59 -2.80
O4B NDP E . 2.98 14.10 -3.23
C3B NDP E . 4.17 14.63 -1.28
O3B NDP E . 4.99 15.68 -0.78
C2B NDP E . 2.71 14.96 -1.06
O2B NDP E . 2.54 16.32 -1.32
C1B NDP E . 2.02 14.22 -2.20
N9A NDP E . 1.58 12.88 -1.78
C8A NDP E . 2.40 11.79 -1.59
N7A NDP E . 1.63 10.73 -1.25
C5A NDP E . 0.34 11.11 -1.26
C6A NDP E . -0.84 10.43 -1.00
N6A NDP E . -0.81 9.14 -0.68
N1A NDP E . -2.05 11.10 -1.08
C2A NDP E . -2.07 12.43 -1.41
N3A NDP E . -0.89 13.11 -1.67
C4A NDP E . 0.29 12.46 -1.60
O3 NDP E . 7.72 13.48 -5.19
PN NDP E . 9.13 12.71 -5.30
O1N NDP E . 10.18 13.68 -4.88
O2N NDP E . 9.01 11.41 -4.61
O5D NDP E . 9.28 12.46 -6.87
C5D NDP E . 9.62 13.52 -7.75
C4D NDP E . 10.88 13.14 -8.51
O4D NDP E . 10.60 12.03 -9.36
C3D NDP E . 11.33 14.28 -9.41
O3D NDP E . 12.75 14.33 -9.36
C2D NDP E . 10.92 13.84 -10.80
O2D NDP E . 11.85 14.30 -11.76
C1D NDP E . 10.94 12.33 -10.70
N1N NDP E . 10.01 11.70 -11.65
C2N NDP E . 10.51 10.79 -12.54
C3N NDP E . 9.68 10.18 -13.46
C7N NDP E . 10.25 9.21 -14.46
O7N NDP E . 9.39 8.37 -15.18
N7N NDP E . 11.57 9.18 -14.63
C4N NDP E . 8.32 10.49 -13.47
C5N NDP E . 7.81 11.40 -12.56
C6N NDP E . 8.68 12.00 -11.64
P2B NDP E . 2.44 17.42 -0.16
O1X NDP E . 3.81 17.61 0.42
O2X NDP E . 1.93 18.72 -0.75
O3X NDP E . 1.48 16.93 0.90
C1P 55V F . 5.86 15.19 -21.01
O1O 55V F . 5.64 16.36 -20.20
C1N 55V F . 6.47 16.34 -19.12
C1M 55V F . 6.35 15.33 -18.16
C1Q 55V F . 7.43 17.33 -18.97
O1V 55V F . 7.54 18.35 -19.89
C1W 55V F . 8.06 17.88 -21.14
C1R 55V F . 8.27 17.32 -17.85
O1T 55V F . 9.21 18.32 -17.71
C1U 55V F . 10.19 18.02 -16.70
C1S 55V F . 8.14 16.32 -16.90
C1L 55V F . 7.20 15.30 -17.06
C1J 55V F . 7.02 14.20 -15.99
C1K 55V F . 5.58 14.25 -15.47
C1X 55V F . 8.01 14.40 -14.85
C1I 55V F . 7.24 12.87 -16.58
C1H 55V F . 7.38 11.76 -17.08
C5 55V F . 7.58 10.45 -17.63
C4 55V F . 8.43 10.28 -18.71
C1Y 55V F . 9.18 11.48 -19.30
N3 55V F . 8.60 9.07 -19.24
C2 55V F . 7.94 8.01 -18.74
N1Z 55V F . 8.12 6.81 -19.29
N1 55V F . 7.11 8.14 -17.69
C6 55V F . 6.92 9.35 -17.13
N1G 55V F . 6.08 9.46 -16.10
#